data_5EBG
#
_entry.id   5EBG
#
_cell.length_a   74.415
_cell.length_b   74.415
_cell.length_c   143.285
_cell.angle_alpha   90.00
_cell.angle_beta   90.00
_cell.angle_gamma   120.00
#
_symmetry.space_group_name_H-M   'P 61 2 2'
#
loop_
_entity.id
_entity.type
_entity.pdbx_description
1 polymer 'T-cell surface glycoprotein CD8 alpha chain'
2 water water
#
_entity_poly.entity_id   1
_entity_poly.type   'polypeptide(L)'
_entity_poly.pdbx_seq_one_letter_code
;SLSFRMSPTQKETRLGEKVELQCELLQSGMATGCSWLRHIPGDDPRPTFLMYLSAQRVKLAEGLDPRHISGAKVSGTKFQ
LTLSSFLQEDQGYYFCSVVSNSILYFSNFVPVFLP
;
_entity_poly.pdbx_strand_id   A,B
#
# COMPACT_ATOMS: atom_id res chain seq x y z
N LEU A 2 -8.35 0.52 -10.01
CA LEU A 2 -7.14 0.56 -10.79
C LEU A 2 -5.95 0.28 -9.86
N SER A 3 -5.10 -0.67 -10.18
CA SER A 3 -3.94 -1.05 -9.38
C SER A 3 -2.64 -0.55 -10.01
N PHE A 4 -1.66 -0.26 -9.17
CA PHE A 4 -0.35 0.21 -9.61
C PHE A 4 0.73 -0.64 -9.00
N ARG A 5 1.86 -0.73 -9.67
CA ARG A 5 3.05 -1.22 -9.03
C ARG A 5 4.06 -0.07 -8.87
N MET A 6 4.58 0.04 -7.67
CA MET A 6 5.52 1.13 -7.38
C MET A 6 6.95 0.63 -7.40
N SER A 7 7.81 1.35 -8.13
N SER A 7 7.80 1.31 -8.16
CA SER A 7 9.21 1.03 -8.22
CA SER A 7 9.23 0.98 -8.16
C SER A 7 10.06 2.28 -7.98
C SER A 7 10.06 2.24 -7.98
N PRO A 8 10.70 2.39 -6.80
CA PRO A 8 10.72 1.42 -5.70
C PRO A 8 9.49 1.56 -4.80
N THR A 9 9.32 0.64 -3.88
CA THR A 9 8.17 0.71 -2.98
C THR A 9 8.45 1.61 -1.77
N GLN A 10 9.73 1.86 -1.53
CA GLN A 10 10.18 2.74 -0.45
C GLN A 10 11.60 3.19 -0.79
N LYS A 11 12.05 4.27 -0.19
CA LYS A 11 13.41 4.73 -0.44
C LYS A 11 13.95 5.48 0.76
N GLU A 12 15.11 5.03 1.27
CA GLU A 12 15.89 5.81 2.21
C GLU A 12 16.91 6.56 1.36
N THR A 13 16.82 7.88 1.36
CA THR A 13 17.68 8.69 0.51
C THR A 13 18.69 9.48 1.34
N ARG A 14 19.45 10.36 0.69
CA ARG A 14 20.38 11.25 1.38
C ARG A 14 20.27 12.63 0.75
N LEU A 15 20.55 13.68 1.53
CA LEU A 15 20.56 15.02 0.96
C LEU A 15 21.55 15.05 -0.20
N GLY A 16 21.15 15.65 -1.32
CA GLY A 16 22.02 15.80 -2.46
C GLY A 16 21.88 14.72 -3.52
N GLU A 17 21.19 13.64 -3.17
CA GLU A 17 21.06 12.50 -4.06
C GLU A 17 19.96 12.68 -5.09
N LYS A 18 20.05 12.02 -6.22
CA LYS A 18 18.96 12.01 -7.18
C LYS A 18 18.02 10.94 -6.68
N VAL A 19 16.75 11.17 -6.79
CA VAL A 19 15.73 10.19 -6.48
C VAL A 19 14.79 10.02 -7.66
N GLU A 20 14.64 8.77 -8.11
CA GLU A 20 13.80 8.46 -9.24
C GLU A 20 12.72 7.48 -8.81
N LEU A 21 11.47 7.89 -8.95
CA LEU A 21 10.34 7.02 -8.59
C LEU A 21 9.55 6.67 -9.84
N GLN A 22 8.94 5.50 -9.83
CA GLN A 22 8.06 5.12 -10.93
C GLN A 22 6.78 4.49 -10.39
N CYS A 23 5.66 4.79 -11.04
CA CYS A 23 4.42 4.06 -10.80
C CYS A 23 3.95 3.45 -12.12
N GLU A 24 3.56 2.19 -12.06
CA GLU A 24 3.10 1.47 -13.25
C GLU A 24 1.64 1.06 -13.11
N LEU A 25 0.79 1.56 -13.99
CA LEU A 25 -0.61 1.13 -14.01
C LEU A 25 -0.64 -0.34 -14.45
N LEU A 26 -1.42 -1.16 -13.73
CA LEU A 26 -1.46 -2.59 -14.04
C LEU A 26 -2.53 -2.91 -15.08
N GLN A 27 -3.31 -1.89 -15.44
CA GLN A 27 -4.20 -1.96 -16.59
C GLN A 27 -3.99 -0.72 -17.45
N SER A 28 -4.11 -0.89 -18.76
CA SER A 28 -3.91 0.22 -19.67
C SER A 28 -5.24 0.69 -20.26
N GLY A 29 -5.21 1.85 -20.90
CA GLY A 29 -6.36 2.34 -21.64
C GLY A 29 -7.45 3.04 -20.85
N MET A 30 -7.17 3.35 -19.59
CA MET A 30 -8.14 4.03 -18.76
C MET A 30 -7.87 5.53 -18.70
N ALA A 31 -6.63 5.91 -18.98
CA ALA A 31 -6.23 7.31 -18.99
C ALA A 31 -4.96 7.53 -19.83
N THR A 32 -4.74 8.75 -20.29
CA THR A 32 -3.51 9.04 -21.03
C THR A 32 -2.53 9.82 -20.15
N GLY A 33 -3.02 10.24 -18.98
CA GLY A 33 -2.22 11.04 -18.09
C GLY A 33 -2.24 10.53 -16.65
N CYS A 34 -1.30 11.03 -15.87
CA CYS A 34 -1.13 10.58 -14.50
C CYS A 34 -0.52 11.71 -13.71
N SER A 35 -0.95 11.86 -12.45
CA SER A 35 -0.42 12.90 -11.59
C SER A 35 0.50 12.30 -10.53
N TRP A 36 1.53 13.05 -10.13
CA TRP A 36 2.31 12.70 -8.95
C TRP A 36 1.92 13.63 -7.82
N LEU A 37 1.76 13.07 -6.63
CA LEU A 37 1.49 13.84 -5.43
C LEU A 37 2.39 13.35 -4.32
N ARG A 38 2.47 14.12 -3.26
CA ARG A 38 3.18 13.71 -2.09
C ARG A 38 2.51 14.28 -0.83
N HIS A 39 2.56 13.50 0.22
CA HIS A 39 2.12 14.04 1.50
C HIS A 39 3.33 14.38 2.35
N ILE A 40 3.38 15.64 2.78
CA ILE A 40 4.44 16.14 3.65
C ILE A 40 3.99 15.95 5.08
N PRO A 41 4.82 15.31 5.91
CA PRO A 41 4.44 15.11 7.31
C PRO A 41 4.15 16.47 7.94
N GLY A 42 3.14 16.53 8.79
CA GLY A 42 2.76 17.80 9.38
C GLY A 42 1.33 17.79 9.84
N ASP A 43 0.80 18.96 10.18
CA ASP A 43 -0.55 19.02 10.72
C ASP A 43 -1.59 19.07 9.61
N ASP A 44 -1.17 19.41 8.40
CA ASP A 44 -2.08 19.45 7.25
C ASP A 44 -2.20 18.05 6.61
N PRO A 45 -3.38 17.44 6.70
CA PRO A 45 -3.58 16.06 6.25
C PRO A 45 -3.72 15.94 4.73
N ARG A 46 -3.75 17.08 4.05
CA ARG A 46 -3.99 17.06 2.59
C ARG A 46 -2.72 16.69 1.82
N PRO A 47 -2.89 16.07 0.65
CA PRO A 47 -1.74 15.78 -0.21
C PRO A 47 -1.33 17.05 -0.96
N THR A 48 -0.13 17.04 -1.54
CA THR A 48 0.35 18.15 -2.34
C THR A 48 0.45 17.72 -3.80
N PHE A 49 -0.19 18.45 -4.71
CA PHE A 49 -0.05 18.15 -6.15
C PHE A 49 1.33 18.56 -6.64
N LEU A 50 1.99 17.67 -7.38
CA LEU A 50 3.34 17.95 -7.86
C LEU A 50 3.38 18.17 -9.37
N MET A 51 2.80 17.24 -10.12
CA MET A 51 2.84 17.38 -11.57
C MET A 51 1.80 16.52 -12.28
N TYR A 52 1.48 16.91 -13.52
CA TYR A 52 0.67 16.09 -14.38
C TYR A 52 1.49 15.67 -15.59
N LEU A 53 1.52 14.36 -15.84
CA LEU A 53 2.30 13.79 -16.93
C LEU A 53 1.39 13.18 -17.98
N SER A 54 1.71 13.43 -19.25
CA SER A 54 0.92 12.89 -20.34
C SER A 54 1.74 12.82 -21.60
N ALA A 55 1.07 12.87 -22.74
CA ALA A 55 1.73 12.98 -24.03
C ALA A 55 2.34 14.38 -24.19
N GLN A 56 1.81 15.34 -23.43
CA GLN A 56 2.29 16.72 -23.50
C GLN A 56 3.45 16.93 -22.54
N ARG A 57 4.05 18.12 -22.57
CA ARG A 57 5.13 18.45 -21.64
C ARG A 57 4.66 18.26 -20.20
N VAL A 58 5.56 17.86 -19.31
CA VAL A 58 5.21 17.80 -17.89
C VAL A 58 4.66 19.14 -17.43
N LYS A 59 3.52 19.11 -16.74
CA LYS A 59 2.98 20.33 -16.17
C LYS A 59 3.24 20.31 -14.68
N LEU A 60 4.13 21.19 -14.24
CA LEU A 60 4.51 21.31 -12.84
C LEU A 60 3.54 22.16 -12.04
N ALA A 61 3.37 21.82 -10.77
CA ALA A 61 2.61 22.67 -9.87
C ALA A 61 3.28 24.04 -9.77
N GLU A 62 2.47 25.06 -9.58
CA GLU A 62 2.96 26.43 -9.45
C GLU A 62 3.97 26.52 -8.31
N GLY A 63 5.08 27.21 -8.58
CA GLY A 63 6.08 27.48 -7.57
C GLY A 63 7.18 26.45 -7.47
N LEU A 64 7.02 25.32 -8.15
CA LEU A 64 8.05 24.29 -8.16
C LEU A 64 9.18 24.65 -9.11
N ASP A 65 10.40 24.30 -8.73
CA ASP A 65 11.58 24.56 -9.55
C ASP A 65 11.80 23.37 -10.47
N PRO A 66 11.67 23.59 -11.80
CA PRO A 66 11.81 22.51 -12.78
C PRO A 66 13.23 21.96 -12.82
N ARG A 67 14.19 22.73 -12.32
CA ARG A 67 15.57 22.28 -12.20
C ARG A 67 15.68 21.23 -11.11
N HIS A 68 14.74 21.28 -10.16
CA HIS A 68 14.80 20.41 -9.00
C HIS A 68 13.87 19.20 -9.12
N ILE A 69 12.72 19.39 -9.74
CA ILE A 69 11.74 18.32 -9.79
C ILE A 69 11.07 18.22 -11.16
N SER A 70 11.04 17.01 -11.71
CA SER A 70 10.38 16.77 -12.98
C SER A 70 9.85 15.36 -13.07
N GLY A 71 9.38 14.98 -14.24
CA GLY A 71 8.80 13.67 -14.43
C GLY A 71 8.65 13.37 -15.91
N ALA A 72 8.29 12.13 -16.21
CA ALA A 72 8.16 11.73 -17.60
C ALA A 72 7.16 10.58 -17.74
N LYS A 73 6.37 10.62 -18.82
CA LYS A 73 5.59 9.46 -19.20
C LYS A 73 6.52 8.51 -19.97
N VAL A 74 6.86 7.41 -19.32
CA VAL A 74 7.82 6.43 -19.83
C VAL A 74 7.17 5.49 -20.82
N SER A 75 5.90 5.19 -20.59
CA SER A 75 5.07 4.41 -21.51
C SER A 75 3.62 4.72 -21.25
N GLY A 76 2.72 4.01 -21.92
CA GLY A 76 1.30 4.21 -21.70
C GLY A 76 0.89 3.86 -20.28
N THR A 77 1.74 3.13 -19.57
CA THR A 77 1.39 2.73 -18.22
C THR A 77 2.46 3.05 -17.18
N LYS A 78 3.61 3.52 -17.62
CA LYS A 78 4.68 3.85 -16.68
C LYS A 78 4.95 5.34 -16.60
N PHE A 79 4.95 5.85 -15.38
CA PHE A 79 5.18 7.27 -15.12
C PHE A 79 6.29 7.43 -14.11
N GLN A 80 7.15 8.42 -14.35
CA GLN A 80 8.34 8.62 -13.54
C GLN A 80 8.36 10.02 -12.93
N LEU A 81 8.89 10.10 -11.72
CA LEU A 81 9.16 11.39 -11.10
C LEU A 81 10.64 11.41 -10.72
N THR A 82 11.30 12.54 -10.95
CA THR A 82 12.70 12.69 -10.59
C THR A 82 12.96 13.91 -9.73
N LEU A 83 13.63 13.70 -8.59
CA LEU A 83 14.22 14.79 -7.81
C LEU A 83 15.72 14.80 -8.12
N SER A 84 16.22 15.93 -8.59
CA SER A 84 17.61 16.01 -9.07
C SER A 84 18.63 16.02 -7.95
N SER A 85 18.28 16.68 -6.85
CA SER A 85 19.17 16.78 -5.69
C SER A 85 18.32 16.92 -4.43
N PHE A 86 18.23 15.84 -3.68
CA PHE A 86 17.27 15.75 -2.59
C PHE A 86 17.45 16.84 -1.52
N LEU A 87 16.34 17.49 -1.17
CA LEU A 87 16.33 18.47 -0.10
C LEU A 87 15.49 18.01 1.09
N GLN A 88 15.77 18.59 2.25
CA GLN A 88 15.07 18.24 3.47
C GLN A 88 13.54 18.24 3.29
N GLU A 89 13.04 19.24 2.56
CA GLU A 89 11.59 19.40 2.37
C GLU A 89 11.00 18.43 1.36
N ASP A 90 11.84 17.66 0.70
CA ASP A 90 11.38 16.62 -0.23
C ASP A 90 10.92 15.34 0.47
N GLN A 91 11.17 15.25 1.77
CA GLN A 91 10.73 14.07 2.52
C GLN A 91 9.22 13.97 2.55
N GLY A 92 8.70 12.78 2.30
CA GLY A 92 7.28 12.57 2.40
C GLY A 92 6.85 11.27 1.77
N TYR A 93 5.54 11.13 1.58
CA TYR A 93 4.98 9.92 1.01
C TYR A 93 4.46 10.21 -0.39
N TYR A 94 5.09 9.58 -1.38
CA TYR A 94 4.83 9.87 -2.78
C TYR A 94 3.85 8.86 -3.37
N PHE A 95 2.90 9.35 -4.16
CA PHE A 95 1.98 8.45 -4.86
C PHE A 95 1.47 9.04 -6.16
N CYS A 96 0.98 8.17 -7.03
CA CYS A 96 0.34 8.60 -8.26
C CYS A 96 -1.18 8.67 -8.12
N SER A 97 -1.79 9.56 -8.89
CA SER A 97 -3.24 9.61 -9.02
C SER A 97 -3.63 9.59 -10.49
N VAL A 98 -4.64 8.79 -10.81
CA VAL A 98 -5.19 8.77 -12.16
C VAL A 98 -6.70 8.97 -12.08
N VAL A 99 -7.23 9.85 -12.92
CA VAL A 99 -8.67 9.98 -13.03
C VAL A 99 -9.17 9.17 -14.23
N SER A 100 -10.23 8.39 -14.02
CA SER A 100 -10.84 7.59 -15.06
C SER A 100 -12.34 7.55 -14.80
N ASN A 101 -13.11 7.98 -15.79
CA ASN A 101 -14.56 8.07 -15.64
C ASN A 101 -14.90 8.90 -14.39
N SER A 102 -14.18 10.01 -14.23
CA SER A 102 -14.39 10.97 -13.14
C SER A 102 -14.10 10.42 -11.75
N ILE A 103 -13.45 9.26 -11.69
CA ILE A 103 -13.05 8.65 -10.44
C ILE A 103 -11.55 8.88 -10.22
N LEU A 104 -11.20 9.40 -9.05
CA LEU A 104 -9.81 9.60 -8.67
C LEU A 104 -9.30 8.31 -8.06
N TYR A 105 -8.24 7.76 -8.65
CA TYR A 105 -7.63 6.54 -8.14
C TYR A 105 -6.24 6.91 -7.68
N PHE A 106 -5.79 6.29 -6.60
CA PHE A 106 -4.46 6.56 -6.06
C PHE A 106 -3.64 5.29 -6.01
N SER A 107 -2.39 5.39 -6.41
CA SER A 107 -1.44 4.29 -6.28
C SER A 107 -1.09 4.09 -4.81
N ASN A 108 -0.35 3.03 -4.49
CA ASN A 108 0.20 2.94 -3.14
C ASN A 108 1.20 4.07 -2.91
N PHE A 109 1.43 4.40 -1.64
CA PHE A 109 2.40 5.45 -1.31
C PHE A 109 3.80 4.91 -1.08
N VAL A 110 4.78 5.76 -1.39
CA VAL A 110 6.18 5.41 -1.29
C VAL A 110 6.82 6.34 -0.27
N PRO A 111 7.23 5.80 0.87
CA PRO A 111 7.92 6.67 1.85
C PRO A 111 9.32 7.00 1.36
N VAL A 112 9.64 8.29 1.25
CA VAL A 112 10.98 8.70 0.87
C VAL A 112 11.52 9.60 1.97
N PHE A 113 12.44 9.07 2.77
CA PHE A 113 12.93 9.76 3.95
C PHE A 113 14.44 9.68 4.14
N LEU A 114 14.95 10.64 4.90
CA LEU A 114 16.35 10.70 5.31
C LEU A 114 16.59 9.87 6.58
N PRO A 115 17.85 9.45 6.79
CA PRO A 115 18.20 8.71 8.01
C PRO A 115 18.11 9.60 9.24
N LEU B 2 -20.28 -16.89 14.38
CA LEU B 2 -19.78 -15.72 13.72
C LEU B 2 -19.09 -16.16 12.46
N SER B 3 -19.43 -15.50 11.37
CA SER B 3 -18.87 -15.78 10.06
C SER B 3 -18.08 -14.58 9.56
N PHE B 4 -17.11 -14.84 8.68
CA PHE B 4 -16.32 -13.81 8.02
C PHE B 4 -16.59 -13.83 6.53
N ARG B 5 -16.49 -12.67 5.89
CA ARG B 5 -16.41 -12.61 4.44
C ARG B 5 -15.03 -12.10 4.08
N MET B 6 -14.37 -12.79 3.16
CA MET B 6 -13.02 -12.40 2.76
C MET B 6 -13.05 -11.72 1.41
N SER B 7 -12.39 -10.56 1.32
CA SER B 7 -12.24 -9.84 0.06
C SER B 7 -10.77 -9.47 -0.11
N PRO B 8 -10.04 -10.15 -1.01
CA PRO B 8 -10.50 -11.21 -1.92
C PRO B 8 -10.46 -12.60 -1.28
N THR B 9 -10.99 -13.58 -2.00
CA THR B 9 -11.01 -14.95 -1.52
C THR B 9 -9.68 -15.65 -1.80
N GLN B 10 -8.93 -15.08 -2.74
CA GLN B 10 -7.64 -15.61 -3.17
C GLN B 10 -6.88 -14.52 -3.90
N LYS B 11 -5.56 -14.66 -4.03
CA LYS B 11 -4.77 -13.68 -4.78
C LYS B 11 -3.51 -14.31 -5.34
N GLU B 12 -3.28 -14.12 -6.63
CA GLU B 12 -1.96 -14.42 -7.17
C GLU B 12 -1.24 -13.09 -7.31
N THR B 13 -0.14 -12.94 -6.57
CA THR B 13 0.58 -11.70 -6.55
C THR B 13 1.86 -11.81 -7.40
N ARG B 14 2.70 -10.78 -7.32
CA ARG B 14 3.99 -10.75 -7.98
C ARG B 14 4.96 -10.10 -7.02
N LEU B 15 6.24 -10.41 -7.15
CA LEU B 15 7.23 -9.73 -6.31
C LEU B 15 7.15 -8.21 -6.49
N GLY B 16 7.20 -7.49 -5.38
CA GLY B 16 7.22 -6.04 -5.43
C GLY B 16 5.87 -5.37 -5.53
N GLU B 17 4.80 -6.17 -5.57
CA GLU B 17 3.45 -5.63 -5.56
C GLU B 17 2.88 -5.45 -4.15
N LYS B 18 2.03 -4.48 -4.00
CA LYS B 18 1.23 -4.41 -2.81
C LYS B 18 0.16 -5.50 -2.80
N VAL B 19 -0.11 -6.07 -1.64
CA VAL B 19 -1.24 -6.97 -1.44
C VAL B 19 -2.11 -6.42 -0.32
N GLU B 20 -3.39 -6.23 -0.58
CA GLU B 20 -4.32 -5.79 0.43
C GLU B 20 -5.44 -6.84 0.60
N LEU B 21 -5.59 -7.32 1.82
CA LEU B 21 -6.64 -8.28 2.15
C LEU B 21 -7.63 -7.64 3.10
N GLN B 22 -8.87 -8.10 3.07
CA GLN B 22 -9.88 -7.65 4.03
C GLN B 22 -10.68 -8.84 4.51
N CYS B 23 -11.08 -8.80 5.78
CA CYS B 23 -12.04 -9.75 6.33
C CYS B 23 -13.10 -8.95 7.04
N GLU B 24 -14.36 -9.27 6.79
CA GLU B 24 -15.44 -8.60 7.48
C GLU B 24 -16.21 -9.57 8.37
N LEU B 25 -16.36 -9.20 9.62
CA LEU B 25 -17.22 -9.93 10.53
C LEU B 25 -18.66 -9.71 10.06
N LEU B 26 -19.41 -10.80 9.91
CA LEU B 26 -20.74 -10.71 9.33
C LEU B 26 -21.81 -10.52 10.39
N GLN B 27 -21.37 -10.47 11.64
CA GLN B 27 -22.24 -10.23 12.80
C GLN B 27 -21.64 -9.13 13.65
N SER B 28 -22.39 -8.06 13.85
CA SER B 28 -21.91 -6.96 14.69
C SER B 28 -22.10 -7.26 16.18
N GLY B 29 -21.39 -6.50 17.00
CA GLY B 29 -21.58 -6.56 18.45
C GLY B 29 -20.83 -7.68 19.15
N MET B 30 -20.14 -8.51 18.40
CA MET B 30 -19.43 -9.64 19.00
C MET B 30 -18.00 -9.35 19.44
N ALA B 31 -17.28 -8.56 18.65
CA ALA B 31 -15.92 -8.16 19.00
C ALA B 31 -15.57 -6.83 18.34
N THR B 32 -14.68 -6.06 18.96
CA THR B 32 -14.24 -4.79 18.38
C THR B 32 -12.81 -4.90 17.83
N GLY B 33 -12.23 -6.09 17.98
CA GLY B 33 -10.89 -6.36 17.52
C GLY B 33 -10.82 -7.63 16.71
N CYS B 34 -9.75 -7.76 15.94
CA CYS B 34 -9.61 -8.88 15.03
C CYS B 34 -8.14 -9.12 14.78
N SER B 35 -7.75 -10.39 14.73
CA SER B 35 -6.37 -10.77 14.44
C SER B 35 -6.22 -11.31 13.02
N TRP B 36 -5.08 -11.02 12.41
CA TRP B 36 -4.67 -11.67 11.18
C TRP B 36 -3.63 -12.74 11.52
N LEU B 37 -3.83 -13.92 10.96
CA LEU B 37 -2.94 -15.05 11.15
C LEU B 37 -2.55 -15.60 9.79
N ARG B 38 -1.48 -16.37 9.76
CA ARG B 38 -1.04 -17.02 8.58
C ARG B 38 -0.73 -18.52 8.81
N HIS B 39 -1.01 -19.32 7.80
CA HIS B 39 -0.59 -20.72 7.80
C HIS B 39 0.27 -21.00 6.58
N ILE B 40 1.44 -21.56 6.85
CA ILE B 40 2.33 -22.01 5.80
C ILE B 40 2.53 -23.50 5.99
N PRO B 41 2.16 -24.29 4.97
CA PRO B 41 2.46 -25.73 5.04
C PRO B 41 3.97 -25.91 5.10
N GLY B 42 4.41 -26.98 5.74
CA GLY B 42 5.83 -27.27 5.80
C GLY B 42 6.20 -27.89 7.13
N ASP B 43 7.08 -27.21 7.87
CA ASP B 43 7.58 -27.73 9.13
C ASP B 43 6.82 -27.26 10.37
N ASP B 44 5.97 -26.27 10.21
CA ASP B 44 5.23 -25.74 11.32
C ASP B 44 3.83 -25.39 10.85
N PRO B 45 2.85 -26.27 11.15
CA PRO B 45 1.47 -26.11 10.69
C PRO B 45 0.71 -25.09 11.51
N ARG B 46 1.24 -24.72 12.67
CA ARG B 46 0.54 -23.83 13.59
C ARG B 46 0.10 -22.53 12.94
N PRO B 47 -1.09 -22.04 13.33
CA PRO B 47 -1.44 -20.67 12.94
C PRO B 47 -0.35 -19.74 13.45
N THR B 48 0.08 -18.80 12.62
CA THR B 48 1.10 -17.84 13.02
C THR B 48 0.48 -16.47 13.15
N PHE B 49 0.57 -15.90 14.35
CA PHE B 49 -0.01 -14.57 14.61
C PHE B 49 0.76 -13.48 13.87
N LEU B 50 0.01 -12.62 13.17
CA LEU B 50 0.58 -11.49 12.44
C LEU B 50 0.30 -10.15 13.13
N MET B 51 -0.96 -9.89 13.47
CA MET B 51 -1.31 -8.61 14.07
C MET B 51 -2.69 -8.65 14.70
N TYR B 52 -2.91 -7.78 15.67
CA TYR B 52 -4.24 -7.60 16.27
C TYR B 52 -4.71 -6.17 16.01
N LEU B 53 -5.86 -6.04 15.36
CA LEU B 53 -6.40 -4.76 14.96
C LEU B 53 -7.58 -4.40 15.85
N SER B 54 -7.72 -3.11 16.16
CA SER B 54 -8.78 -2.65 17.05
C SER B 54 -8.95 -1.14 16.96
N ALA B 55 -9.52 -0.55 18.00
CA ALA B 55 -9.63 0.91 18.07
C ALA B 55 -8.26 1.54 18.29
N GLN B 56 -7.35 0.72 18.76
CA GLN B 56 -5.99 1.17 19.01
C GLN B 56 -5.10 1.03 17.78
N ARG B 57 -3.90 1.57 17.84
CA ARG B 57 -2.96 1.37 16.75
C ARG B 57 -2.78 -0.11 16.48
N VAL B 58 -2.35 -0.45 15.27
CA VAL B 58 -2.09 -1.85 14.93
C VAL B 58 -1.07 -2.44 15.90
N LYS B 59 -1.34 -3.64 16.42
CA LYS B 59 -0.37 -4.38 17.24
C LYS B 59 0.30 -5.49 16.45
N LEU B 60 1.46 -5.25 15.88
CA LEU B 60 2.16 -6.26 15.10
C LEU B 60 2.86 -7.27 15.99
N ALA B 61 2.92 -8.51 15.52
CA ALA B 61 3.69 -9.55 16.17
C ALA B 61 5.13 -9.07 16.30
N GLU B 62 5.80 -9.46 17.36
CA GLU B 62 7.16 -9.10 17.55
C GLU B 62 7.99 -9.61 16.40
N GLY B 63 8.84 -8.75 15.86
CA GLY B 63 9.71 -9.17 14.79
C GLY B 63 9.28 -8.68 13.41
N LEU B 64 7.99 -8.39 13.24
CA LEU B 64 7.46 -7.87 11.99
C LEU B 64 7.77 -6.38 11.81
N ASP B 65 7.97 -5.98 10.56
CA ASP B 65 8.38 -4.61 10.22
C ASP B 65 7.19 -3.88 9.61
N PRO B 66 6.74 -2.79 10.26
CA PRO B 66 5.59 -2.02 9.81
C PRO B 66 5.82 -1.39 8.44
N ARG B 67 7.05 -1.37 7.99
CA ARG B 67 7.38 -0.84 6.67
C ARG B 67 7.06 -1.87 5.60
N HIS B 68 6.84 -3.07 6.05
CA HIS B 68 6.55 -4.17 5.13
C HIS B 68 5.13 -4.68 5.30
N ILE B 69 4.71 -4.79 6.56
CA ILE B 69 3.39 -5.32 6.85
C ILE B 69 2.64 -4.46 7.87
N SER B 70 1.39 -4.18 7.57
CA SER B 70 0.55 -3.43 8.48
C SER B 70 -0.89 -3.83 8.25
N GLY B 71 -1.79 -3.13 8.93
CA GLY B 71 -3.20 -3.39 8.78
C GLY B 71 -3.97 -2.31 9.46
N ALA B 72 -5.29 -2.32 9.29
CA ALA B 72 -6.12 -1.32 9.90
C ALA B 72 -7.52 -1.84 10.12
N LYS B 73 -8.16 -1.37 11.19
CA LYS B 73 -9.59 -1.55 11.36
C LYS B 73 -10.24 -0.41 10.59
N VAL B 74 -11.09 -0.75 9.62
CA VAL B 74 -11.59 0.26 8.71
C VAL B 74 -13.06 0.58 8.92
N SER B 75 -13.76 -0.31 9.62
CA SER B 75 -15.11 -0.02 10.08
C SER B 75 -15.35 -0.81 11.34
N GLY B 76 -16.59 -0.84 11.82
CA GLY B 76 -16.91 -1.62 13.00
C GLY B 76 -16.67 -3.10 12.77
N THR B 77 -16.70 -3.52 11.51
CA THR B 77 -16.66 -4.95 11.17
C THR B 77 -15.57 -5.34 10.18
N LYS B 78 -15.00 -4.36 9.47
CA LYS B 78 -14.03 -4.64 8.43
C LYS B 78 -12.61 -4.40 8.89
N PHE B 79 -11.73 -5.36 8.59
CA PHE B 79 -10.34 -5.30 8.99
C PHE B 79 -9.48 -5.62 7.78
N GLN B 80 -8.37 -4.92 7.65
CA GLN B 80 -7.53 -5.05 6.47
C GLN B 80 -6.09 -5.34 6.85
N LEU B 81 -5.42 -6.10 5.98
CA LEU B 81 -4.00 -6.39 6.11
C LEU B 81 -3.34 -5.93 4.83
N THR B 82 -2.22 -5.24 4.94
CA THR B 82 -1.50 -4.77 3.76
C THR B 82 -0.04 -5.17 3.79
N LEU B 83 0.42 -5.77 2.69
CA LEU B 83 1.85 -5.95 2.44
C LEU B 83 2.28 -4.89 1.43
N SER B 84 3.36 -4.16 1.74
CA SER B 84 3.74 -3.00 0.93
C SER B 84 4.53 -3.38 -0.34
N SER B 85 5.24 -4.49 -0.26
CA SER B 85 6.05 -4.97 -1.36
C SER B 85 6.23 -6.46 -1.17
N PHE B 86 5.57 -7.26 -2.01
CA PHE B 86 5.51 -8.69 -1.78
C PHE B 86 6.86 -9.36 -1.94
N LEU B 87 7.16 -10.24 -0.99
CA LEU B 87 8.38 -11.02 -0.99
C LEU B 87 8.07 -12.51 -1.02
N GLN B 88 8.98 -13.29 -1.60
CA GLN B 88 8.88 -14.74 -1.62
C GLN B 88 8.35 -15.29 -0.28
N GLU B 89 8.90 -14.83 0.80
CA GLU B 89 8.52 -15.30 2.10
C GLU B 89 7.10 -14.92 2.58
N ASP B 90 6.42 -14.00 1.91
CA ASP B 90 5.08 -13.60 2.32
C ASP B 90 3.99 -14.58 1.85
N GLN B 91 4.38 -15.59 1.11
CA GLN B 91 3.40 -16.54 0.58
C GLN B 91 2.75 -17.41 1.67
N GLY B 92 1.47 -17.71 1.49
CA GLY B 92 0.77 -18.60 2.39
C GLY B 92 -0.72 -18.34 2.44
N TYR B 93 -1.37 -18.90 3.45
CA TYR B 93 -2.81 -18.77 3.63
C TYR B 93 -3.09 -17.83 4.76
N TYR B 94 -3.76 -16.73 4.44
CA TYR B 94 -4.05 -15.70 5.41
C TYR B 94 -5.49 -15.85 5.89
N PHE B 95 -5.71 -15.60 7.17
CA PHE B 95 -7.06 -15.66 7.73
C PHE B 95 -7.20 -14.80 8.98
N CYS B 96 -8.44 -14.47 9.31
CA CYS B 96 -8.75 -13.68 10.48
C CYS B 96 -9.25 -14.55 11.59
N SER B 97 -9.10 -14.07 12.82
CA SER B 97 -9.62 -14.75 13.99
C SER B 97 -10.19 -13.72 14.92
N VAL B 98 -11.33 -14.03 15.52
CA VAL B 98 -11.95 -13.15 16.48
C VAL B 98 -12.31 -13.94 17.73
N VAL B 99 -12.13 -13.33 18.89
CA VAL B 99 -12.61 -13.92 20.13
C VAL B 99 -13.83 -13.16 20.66
N SER B 100 -14.84 -13.91 21.07
CA SER B 100 -16.06 -13.31 21.62
C SER B 100 -16.64 -14.25 22.66
N ASN B 101 -16.83 -13.75 23.87
CA ASN B 101 -17.32 -14.59 24.95
C ASN B 101 -16.44 -15.83 25.09
N SER B 102 -15.13 -15.62 25.06
CA SER B 102 -14.14 -16.69 25.20
C SER B 102 -14.19 -17.76 24.10
N ILE B 103 -14.95 -17.48 23.04
CA ILE B 103 -15.04 -18.41 21.92
C ILE B 103 -14.19 -17.92 20.76
N LEU B 104 -13.30 -18.76 20.26
CA LEU B 104 -12.47 -18.44 19.11
C LEU B 104 -13.20 -18.75 17.81
N TYR B 105 -13.10 -17.81 16.87
CA TYR B 105 -13.70 -17.94 15.56
C TYR B 105 -12.61 -17.73 14.52
N PHE B 106 -12.73 -18.37 13.36
CA PHE B 106 -11.74 -18.28 12.31
C PHE B 106 -12.40 -18.12 10.95
N SER B 107 -11.80 -17.30 10.09
CA SER B 107 -12.28 -17.12 8.74
C SER B 107 -11.72 -18.23 7.85
N ASN B 108 -12.28 -18.34 6.65
CA ASN B 108 -11.68 -19.16 5.61
C ASN B 108 -10.28 -18.66 5.30
N PHE B 109 -9.44 -19.56 4.80
CA PHE B 109 -8.08 -19.23 4.38
C PHE B 109 -8.06 -18.52 3.04
N VAL B 110 -7.26 -17.48 2.92
CA VAL B 110 -7.07 -16.80 1.65
C VAL B 110 -5.67 -17.13 1.15
N PRO B 111 -5.58 -17.90 0.06
CA PRO B 111 -4.26 -18.20 -0.50
C PRO B 111 -3.68 -16.95 -1.15
N VAL B 112 -2.45 -16.62 -0.80
CA VAL B 112 -1.73 -15.54 -1.45
C VAL B 112 -0.38 -16.11 -1.89
N PHE B 113 -0.21 -16.27 -3.20
CA PHE B 113 0.97 -16.95 -3.74
C PHE B 113 1.47 -16.31 -5.02
N LEU B 114 2.73 -16.58 -5.34
CA LEU B 114 3.34 -16.21 -6.61
C LEU B 114 3.02 -17.25 -7.68
N PRO B 115 3.12 -16.88 -8.97
CA PRO B 115 2.99 -17.87 -10.03
C PRO B 115 4.00 -18.99 -9.89
#